data_7YKF
#
_entry.id   7YKF
#
_cell.length_a   40.209
_cell.length_b   55.616
_cell.length_c   61.070
_cell.angle_alpha   65.310
_cell.angle_beta   76.620
_cell.angle_gamma   71.560
#
_symmetry.space_group_name_H-M   'P 1'
#
loop_
_entity.id
_entity.type
_entity.pdbx_description
1 polymer 'Membrane-associated guanylate kinase, WW and PDZ domain-containing protein 2'
2 polymer Ephexin4
3 water water
#
loop_
_entity_poly.entity_id
_entity_poly.type
_entity_poly.pdbx_seq_one_letter_code
_entity_poly.pdbx_strand_id
1 'polypeptide(L)'
;GPGSSHWTSKVHESVIGRNPEGQLGFELKGGAENGQFPYLGEVKPGKVAYESGSKLVSEELLLEVNETPVAGLTIRDVLA
VIKHCKDPLRLKCVKQGGIVDKDLRHYLNLRFQKGSVDHELQQIIRDNLYLRTVPCTTRPHKEGEVPGVDYIFITVEEFM
ELEKSGALLESGTYEDNYYGTPKPPAEPAPLLNVTDQILPGATPSAEGKRKRNKSVTNMEKASIEPPEEEEEER
;
A,C
2 'polypeptide(L)' NLRNQ(SEP)YRAAMK B,D
#
# COMPACT_ATOMS: atom_id res chain seq x y z
N SER A 5 1.12 17.41 -1.69
CA SER A 5 1.74 16.37 -2.53
C SER A 5 2.74 15.51 -1.76
N HIS A 6 3.29 16.05 -0.69
CA HIS A 6 4.33 15.33 0.04
C HIS A 6 3.76 14.52 1.18
N TRP A 7 4.43 13.41 1.47
CA TRP A 7 4.04 12.54 2.57
C TRP A 7 4.15 13.28 3.91
N THR A 8 5.17 14.12 4.05
CA THR A 8 5.42 14.80 5.31
C THR A 8 4.78 16.20 5.39
N SER A 9 3.96 16.57 4.41
CA SER A 9 3.49 17.96 4.32
C SER A 9 2.60 18.35 5.50
N LYS A 10 1.87 17.40 6.10
CA LYS A 10 0.96 17.74 7.20
C LYS A 10 1.49 17.31 8.58
N VAL A 11 2.80 17.04 8.69
CA VAL A 11 3.40 16.72 9.98
C VAL A 11 3.28 17.90 10.92
N HIS A 12 2.81 17.65 12.14
CA HIS A 12 2.72 18.68 13.18
C HIS A 12 3.27 18.17 14.51
N GLU A 13 3.55 19.12 15.41
CA GLU A 13 4.09 18.82 16.74
C GLU A 13 3.05 19.10 17.81
N SER A 14 2.83 18.13 18.69
CA SER A 14 1.91 18.23 19.82
C SER A 14 2.73 18.00 21.08
N VAL A 15 2.69 18.97 21.99
CA VAL A 15 3.40 18.86 23.26
C VAL A 15 2.40 18.50 24.34
N ILE A 16 2.61 17.35 24.98
CA ILE A 16 1.71 16.86 26.01
C ILE A 16 2.52 16.54 27.26
N GLY A 17 1.80 16.19 28.32
CA GLY A 17 2.41 15.67 29.52
C GLY A 17 1.65 14.44 29.97
N ARG A 18 2.23 13.73 30.94
CA ARG A 18 1.54 12.59 31.53
C ARG A 18 0.28 13.05 32.27
N ASN A 19 -0.81 12.30 32.12
CA ASN A 19 -2.03 12.61 32.85
C ASN A 19 -1.83 12.27 34.34
N PRO A 20 -2.76 12.66 35.22
CA PRO A 20 -2.56 12.41 36.67
C PRO A 20 -2.31 10.95 37.04
N GLU A 21 -2.58 10.00 36.14
CA GLU A 21 -2.26 8.60 36.39
C GLU A 21 -0.93 8.19 35.78
N GLY A 22 -0.20 9.12 35.19
CA GLY A 22 1.11 8.83 34.63
C GLY A 22 1.09 8.25 33.24
N GLN A 23 -0.07 8.23 32.59
CA GLN A 23 -0.22 7.64 31.27
C GLN A 23 -0.29 8.76 30.25
N LEU A 24 -0.46 8.37 28.99
CA LEU A 24 -0.48 9.33 27.90
C LEU A 24 -1.88 9.84 27.60
N GLY A 25 -2.92 9.07 27.95
CA GLY A 25 -4.27 9.40 27.58
C GLY A 25 -4.73 8.82 26.26
N PHE A 26 -3.92 7.95 25.65
CA PHE A 26 -4.32 7.26 24.44
C PHE A 26 -3.47 5.99 24.33
N GLU A 27 -4.01 4.96 23.70
CA GLU A 27 -3.25 3.74 23.51
C GLU A 27 -2.45 3.82 22.21
N LEU A 28 -1.26 3.25 22.24
CA LEU A 28 -0.44 3.18 21.05
C LEU A 28 -0.76 1.88 20.32
N LYS A 29 -0.87 1.96 18.99
CA LYS A 29 -1.26 0.81 18.17
C LYS A 29 -0.28 0.68 17.01
N GLY A 30 -0.40 -0.42 16.29
CA GLY A 30 0.48 -0.65 15.15
C GLY A 30 1.80 -1.22 15.59
N GLY A 31 2.90 -0.64 15.11
CA GLY A 31 4.26 -1.10 15.35
C GLY A 31 4.74 -2.09 14.30
N ALA A 32 6.06 -2.15 14.13
CA ALA A 32 6.66 -2.97 13.07
C ALA A 32 6.28 -4.44 13.21
N GLU A 33 5.94 -4.89 14.42
CA GLU A 33 5.51 -6.27 14.60
C GLU A 33 4.17 -6.55 13.93
N ASN A 34 3.41 -5.51 13.58
CA ASN A 34 2.23 -5.68 12.74
C ASN A 34 2.46 -5.12 11.35
N GLY A 35 3.72 -4.87 10.98
CA GLY A 35 4.00 -4.27 9.69
C GLY A 35 3.44 -2.88 9.57
N GLN A 36 3.42 -2.11 10.65
CA GLN A 36 2.71 -0.84 10.68
C GLN A 36 3.54 0.22 11.40
N PHE A 37 3.29 1.47 11.04
CA PHE A 37 3.72 2.58 11.86
C PHE A 37 3.17 2.38 13.27
N PRO A 38 3.79 2.94 14.30
CA PRO A 38 3.04 3.22 15.52
C PRO A 38 2.02 4.31 15.20
N TYR A 39 0.79 4.13 15.66
CA TYR A 39 -0.20 5.18 15.47
C TYR A 39 -1.12 5.20 16.68
N LEU A 40 -1.85 6.32 16.83
CA LEU A 40 -2.67 6.53 18.00
C LEU A 40 -4.01 5.82 17.85
N GLY A 41 -4.53 5.30 18.96
CA GLY A 41 -5.89 4.80 19.02
C GLY A 41 -6.86 5.94 19.24
N GLU A 42 -7.95 5.67 19.96
CA GLU A 42 -8.93 6.71 20.23
C GLU A 42 -8.36 7.71 21.23
N VAL A 43 -8.21 8.96 20.81
CA VAL A 43 -7.77 10.03 21.70
C VAL A 43 -9.02 10.49 22.47
N LYS A 44 -9.14 10.03 23.71
CA LYS A 44 -10.23 10.50 24.55
C LYS A 44 -10.04 11.96 24.94
N PRO A 45 -10.94 12.87 24.56
CA PRO A 45 -10.79 14.28 24.92
C PRO A 45 -10.87 14.47 26.43
N GLY A 46 -9.81 15.02 27.00
CA GLY A 46 -9.74 15.20 28.43
C GLY A 46 -8.86 14.20 29.13
N LYS A 47 -8.31 13.24 28.40
CA LYS A 47 -7.37 12.28 28.94
C LYS A 47 -5.96 12.65 28.54
N VAL A 48 -5.81 13.49 27.51
CA VAL A 48 -4.52 14.05 27.13
C VAL A 48 -4.32 15.34 27.89
N ALA A 49 -3.17 15.45 28.57
CA ALA A 49 -2.79 16.66 29.30
C ALA A 49 -2.01 17.52 28.31
N TYR A 50 -2.73 18.39 27.61
CA TYR A 50 -2.12 19.18 26.55
C TYR A 50 -1.23 20.25 27.17
N GLU A 51 -0.11 20.56 26.49
CA GLU A 51 0.80 21.61 26.93
C GLU A 51 0.93 22.72 25.90
N SER A 52 1.29 22.42 24.66
CA SER A 52 1.50 23.46 23.66
C SER A 52 1.40 22.81 22.28
N GLY A 53 1.63 23.62 21.25
CA GLY A 53 1.55 23.12 19.90
C GLY A 53 0.11 22.87 19.50
N SER A 54 -0.10 21.81 18.73
CA SER A 54 -1.37 21.42 18.15
C SER A 54 -1.95 20.21 18.89
N LYS A 55 -3.25 19.98 18.72
CA LYS A 55 -3.88 18.84 19.37
C LYS A 55 -3.58 17.55 18.63
N LEU A 56 -3.78 16.43 19.32
CA LEU A 56 -3.67 15.10 18.71
C LEU A 56 -5.04 14.67 18.22
N VAL A 57 -5.08 13.95 17.10
CA VAL A 57 -6.34 13.37 16.65
C VAL A 57 -6.16 11.87 16.52
N SER A 58 -7.25 11.13 16.74
CA SER A 58 -7.23 9.68 16.63
C SER A 58 -6.63 9.20 15.32
N GLU A 59 -5.88 8.10 15.41
CA GLU A 59 -5.32 7.33 14.31
C GLU A 59 -4.23 8.06 13.53
N GLU A 60 -3.69 9.14 14.08
CA GLU A 60 -2.52 9.74 13.46
C GLU A 60 -1.30 8.85 13.67
N LEU A 61 -0.34 8.95 12.75
CA LEU A 61 0.90 8.17 12.84
C LEU A 61 1.88 8.89 13.73
N LEU A 62 2.51 8.15 14.64
CA LEU A 62 3.49 8.73 15.55
C LEU A 62 4.88 8.62 14.92
N LEU A 63 5.50 9.76 14.65
CA LEU A 63 6.79 9.76 13.96
C LEU A 63 7.99 9.89 14.91
N GLU A 64 7.95 10.83 15.86
CA GLU A 64 9.09 11.05 16.73
C GLU A 64 8.63 11.33 18.15
N VAL A 65 9.50 11.01 19.09
CA VAL A 65 9.28 11.36 20.49
C VAL A 65 10.52 12.08 20.96
N ASN A 66 10.34 13.36 21.32
CA ASN A 66 11.44 14.23 21.74
C ASN A 66 12.60 14.15 20.76
N GLU A 67 12.27 14.19 19.47
CA GLU A 67 13.23 14.20 18.37
C GLU A 67 13.95 12.86 18.19
N THR A 68 13.50 11.80 18.85
CA THR A 68 13.95 10.44 18.51
C THR A 68 12.96 9.85 17.51
N PRO A 69 13.36 9.59 16.27
CA PRO A 69 12.46 8.90 15.32
C PRO A 69 12.08 7.52 15.85
N VAL A 70 10.79 7.21 15.83
CA VAL A 70 10.29 5.95 16.34
C VAL A 70 9.57 5.11 15.31
N ALA A 71 9.20 5.70 14.16
CA ALA A 71 8.51 4.93 13.12
C ALA A 71 9.42 3.86 12.57
N GLY A 72 8.89 2.67 12.44
CA GLY A 72 9.67 1.52 12.04
C GLY A 72 10.05 0.61 13.19
N LEU A 73 9.85 1.06 14.43
CA LEU A 73 10.14 0.24 15.59
C LEU A 73 8.90 -0.53 16.01
N THR A 74 9.09 -1.48 16.91
CA THR A 74 7.97 -2.14 17.55
C THR A 74 7.35 -1.21 18.58
N ILE A 75 6.18 -1.58 19.06
CA ILE A 75 5.54 -0.83 20.14
C ILE A 75 6.42 -0.92 21.39
N ARG A 76 7.13 -2.03 21.53
CA ARG A 76 8.01 -2.25 22.67
C ARG A 76 9.01 -1.11 22.73
N ASP A 77 9.78 -0.98 21.64
CA ASP A 77 10.78 0.04 21.47
C ASP A 77 10.19 1.46 21.61
N VAL A 78 9.01 1.70 21.02
CA VAL A 78 8.43 3.05 21.07
C VAL A 78 8.14 3.44 22.52
N LEU A 79 7.44 2.57 23.25
CA LEU A 79 7.20 2.83 24.66
C LEU A 79 8.50 2.95 25.45
N ALA A 80 9.55 2.21 25.06
CA ALA A 80 10.83 2.32 25.78
C ALA A 80 11.44 3.69 25.57
N VAL A 81 11.26 4.27 24.39
CA VAL A 81 11.69 5.63 24.13
C VAL A 81 10.85 6.62 24.96
N ILE A 82 9.53 6.40 24.99
CA ILE A 82 8.65 7.28 25.76
C ILE A 82 9.08 7.30 27.22
N LYS A 83 9.37 6.11 27.77
CA LYS A 83 9.67 6.00 29.20
C LYS A 83 10.94 6.75 29.57
N HIS A 84 11.89 6.90 28.65
CA HIS A 84 13.12 7.62 28.98
C HIS A 84 13.06 9.11 28.64
N CYS A 85 11.88 9.65 28.32
CA CYS A 85 11.72 11.07 28.06
C CYS A 85 10.93 11.69 29.21
N LYS A 86 11.51 12.70 29.84
CA LYS A 86 10.81 13.45 30.87
C LYS A 86 9.81 14.42 30.23
N ASP A 87 8.77 14.77 31.00
CA ASP A 87 7.81 15.77 30.51
C ASP A 87 8.46 17.13 30.36
N PRO A 88 8.09 17.93 29.32
CA PRO A 88 7.06 17.69 28.31
C PRO A 88 7.48 16.77 27.17
N LEU A 89 6.50 16.00 26.66
CA LEU A 89 6.70 15.08 25.54
C LEU A 89 6.34 15.76 24.24
N ARG A 90 7.32 16.02 23.38
CA ARG A 90 7.05 16.59 22.07
C ARG A 90 6.86 15.44 21.06
N LEU A 91 5.63 15.29 20.56
CA LEU A 91 5.26 14.24 19.63
C LEU A 91 5.12 14.84 18.26
N LYS A 92 5.76 14.22 17.28
CA LYS A 92 5.61 14.57 15.87
C LYS A 92 4.76 13.49 15.22
N CYS A 93 3.58 13.91 14.73
CA CYS A 93 2.56 13.03 14.17
C CYS A 93 2.14 13.54 12.78
N VAL A 94 1.43 12.67 12.06
CA VAL A 94 0.84 13.01 10.77
C VAL A 94 -0.49 12.25 10.63
N LYS A 95 -1.50 12.94 10.12
CA LYS A 95 -2.78 12.27 9.94
C LYS A 95 -2.69 11.31 8.75
N GLN A 96 -3.33 10.15 8.87
CA GLN A 96 -3.41 9.22 7.75
C GLN A 96 -4.33 9.76 6.68
N GLY A 97 -4.05 9.39 5.44
CA GLY A 97 -4.94 9.64 4.33
C GLY A 97 -4.17 9.96 3.07
N GLY A 98 -4.82 9.74 1.93
CA GLY A 98 -4.13 9.95 0.67
C GLY A 98 -2.87 9.10 0.63
N ILE A 99 -1.72 9.74 0.39
CA ILE A 99 -0.47 9.00 0.30
C ILE A 99 0.03 8.51 1.66
N VAL A 100 -0.51 9.01 2.77
CA VAL A 100 -0.01 8.71 4.12
C VAL A 100 -0.79 7.53 4.68
N ASP A 101 -0.13 6.40 4.87
CA ASP A 101 -0.84 5.27 5.47
C ASP A 101 0.06 4.55 6.48
N LYS A 102 -0.59 3.94 7.47
CA LYS A 102 0.13 3.24 8.52
C LYS A 102 0.84 2.00 8.02
N ASP A 103 0.56 1.54 6.80
CA ASP A 103 1.10 0.26 6.36
C ASP A 103 2.56 0.42 5.99
N LEU A 104 3.43 -0.20 6.79
CA LEU A 104 4.86 -0.03 6.59
C LEU A 104 5.34 -0.66 5.27
N ARG A 105 4.87 -1.87 4.95
CA ARG A 105 5.33 -2.49 3.71
C ARG A 105 5.04 -1.57 2.51
N HIS A 106 3.84 -0.97 2.46
CA HIS A 106 3.51 -0.09 1.34
C HIS A 106 4.29 1.21 1.38
N TYR A 107 4.57 1.73 2.58
CA TYR A 107 5.38 2.93 2.65
C TYR A 107 6.80 2.68 2.12
N LEU A 108 7.37 1.52 2.43
CA LEU A 108 8.71 1.19 1.91
C LEU A 108 8.71 0.95 0.39
N ASN A 109 7.55 0.64 -0.21
CA ASN A 109 7.46 0.55 -1.66
C ASN A 109 7.52 1.91 -2.36
N LEU A 110 7.17 3.00 -1.68
CA LEU A 110 7.07 4.29 -2.37
C LEU A 110 8.42 4.73 -2.91
N ARG A 111 8.40 5.33 -4.10
CA ARG A 111 9.61 5.83 -4.75
C ARG A 111 9.63 7.36 -4.59
N PHE A 112 10.48 7.84 -3.69
CA PHE A 112 10.65 9.26 -3.42
C PHE A 112 11.91 9.78 -4.11
N GLN A 113 11.94 11.09 -4.36
CA GLN A 113 13.12 11.69 -4.97
C GLN A 113 14.25 11.73 -3.95
N LYS A 114 15.45 11.33 -4.36
CA LYS A 114 16.57 11.29 -3.44
C LYS A 114 16.90 12.69 -2.94
N GLY A 115 16.98 12.84 -1.60
CA GLY A 115 17.18 14.13 -0.97
C GLY A 115 15.90 14.78 -0.47
N SER A 116 14.74 14.27 -0.85
CA SER A 116 13.47 14.82 -0.39
C SER A 116 13.30 14.55 1.11
N VAL A 117 12.49 15.37 1.77
CA VAL A 117 12.12 15.06 3.16
C VAL A 117 11.52 13.67 3.22
N ASP A 118 10.61 13.37 2.28
CA ASP A 118 9.99 12.05 2.22
C ASP A 118 11.04 10.94 2.15
N HIS A 119 12.06 11.12 1.30
CA HIS A 119 13.10 10.10 1.17
C HIS A 119 13.91 9.95 2.46
N GLU A 120 14.27 11.08 3.10
CA GLU A 120 15.09 10.96 4.31
C GLU A 120 14.32 10.24 5.41
N LEU A 121 13.03 10.53 5.56
CA LEU A 121 12.21 9.84 6.55
C LEU A 121 12.11 8.36 6.26
N GLN A 122 12.00 8.01 4.98
CA GLN A 122 11.92 6.60 4.61
C GLN A 122 13.18 5.84 5.01
N GLN A 123 14.35 6.45 4.81
CA GLN A 123 15.59 5.79 5.20
C GLN A 123 15.72 5.71 6.73
N ILE A 124 15.27 6.76 7.43
CA ILE A 124 15.23 6.70 8.89
C ILE A 124 14.36 5.55 9.34
N ILE A 125 13.22 5.35 8.70
CA ILE A 125 12.32 4.29 9.13
C ILE A 125 12.89 2.90 8.82
N ARG A 126 13.64 2.77 7.73
CA ARG A 126 14.40 1.55 7.43
C ARG A 126 15.43 1.21 8.49
N ASP A 127 16.23 2.17 8.92
CA ASP A 127 17.22 1.86 9.94
C ASP A 127 16.56 1.37 11.23
N ASN A 128 15.43 2.00 11.62
CA ASN A 128 14.76 1.57 12.84
C ASN A 128 14.27 0.12 12.70
N LEU A 129 13.62 -0.20 11.59
CA LEU A 129 13.16 -1.57 11.35
C LEU A 129 14.32 -2.55 11.35
N TYR A 130 15.48 -2.11 10.87
CA TYR A 130 16.66 -2.96 10.81
C TYR A 130 17.27 -3.22 12.19
N LEU A 131 16.90 -2.43 13.20
CA LEU A 131 17.53 -2.56 14.53
C LEU A 131 17.23 -3.91 15.16
N ARG A 132 16.00 -4.40 15.02
CA ARG A 132 15.58 -5.64 15.65
C ARG A 132 15.07 -6.68 14.66
N THR A 133 15.41 -6.53 13.39
CA THR A 133 15.06 -7.56 12.42
C THR A 133 16.32 -8.18 11.83
N VAL A 134 16.26 -9.48 11.64
CA VAL A 134 17.30 -10.23 10.94
C VAL A 134 16.77 -10.56 9.56
N PRO A 135 17.48 -10.24 8.49
CA PRO A 135 16.97 -10.50 7.15
C PRO A 135 17.00 -11.99 6.84
N CYS A 136 16.17 -12.38 5.86
CA CYS A 136 16.15 -13.74 5.36
C CYS A 136 16.67 -13.75 3.92
N THR A 137 17.26 -14.87 3.52
CA THR A 137 17.82 -14.99 2.19
C THR A 137 17.86 -16.45 1.76
N THR A 138 17.77 -16.64 0.45
CA THR A 138 17.84 -17.96 -0.17
C THR A 138 19.21 -18.29 -0.70
N ARG A 139 20.14 -17.33 -0.70
CA ARG A 139 21.50 -17.65 -1.08
C ARG A 139 22.11 -18.56 -0.02
N PRO A 140 23.14 -19.33 -0.37
CA PRO A 140 23.78 -20.17 0.65
C PRO A 140 24.59 -19.36 1.64
N HIS A 141 24.71 -19.93 2.84
CA HIS A 141 25.56 -19.39 3.90
C HIS A 141 27.00 -19.23 3.43
N LYS A 142 27.61 -18.08 3.70
CA LYS A 142 29.03 -17.86 3.42
C LYS A 142 29.83 -17.97 4.70
N GLU A 143 31.10 -18.37 4.58
CA GLU A 143 31.95 -18.52 5.75
C GLU A 143 32.04 -17.20 6.52
N GLY A 144 31.91 -17.29 7.83
CA GLY A 144 31.93 -16.12 8.68
C GLY A 144 30.57 -15.62 9.10
N GLU A 145 29.49 -16.07 8.47
CA GLU A 145 28.16 -15.62 8.82
C GLU A 145 27.58 -16.52 9.90
N VAL A 146 26.74 -15.92 10.73
CA VAL A 146 26.08 -16.57 11.86
C VAL A 146 24.60 -16.72 11.49
N PRO A 147 24.11 -17.93 11.25
CA PRO A 147 22.69 -18.09 10.97
C PRO A 147 21.86 -17.66 12.17
N GLY A 148 20.76 -16.95 11.89
CA GLY A 148 19.96 -16.34 12.95
C GLY A 148 20.41 -14.96 13.33
N VAL A 149 21.58 -14.50 12.85
CA VAL A 149 22.08 -13.19 13.24
C VAL A 149 22.30 -12.34 12.01
N ASP A 150 23.22 -12.77 11.14
CA ASP A 150 23.42 -12.05 9.89
C ASP A 150 22.26 -12.30 8.94
N TYR A 151 21.81 -13.56 8.86
CA TYR A 151 20.64 -13.91 8.04
C TYR A 151 19.94 -15.13 8.64
N ILE A 152 18.67 -15.25 8.29
CA ILE A 152 17.95 -16.51 8.32
C ILE A 152 18.09 -17.09 6.92
N PHE A 153 18.66 -18.29 6.82
CA PHE A 153 18.94 -18.91 5.54
C PHE A 153 17.82 -19.89 5.26
N ILE A 154 16.99 -19.60 4.25
CA ILE A 154 15.83 -20.41 3.94
C ILE A 154 15.84 -20.75 2.44
N THR A 155 15.04 -21.73 2.07
CA THR A 155 14.95 -22.09 0.67
C THR A 155 13.94 -21.21 -0.06
N VAL A 156 13.96 -21.29 -1.39
CA VAL A 156 13.02 -20.52 -2.21
C VAL A 156 11.58 -20.85 -1.82
N GLU A 157 11.26 -22.13 -1.57
CA GLU A 157 9.87 -22.44 -1.21
C GLU A 157 9.51 -21.73 0.10
N GLU A 158 10.40 -21.78 1.09
CA GLU A 158 10.13 -21.12 2.37
C GLU A 158 10.01 -19.62 2.19
N PHE A 159 10.90 -19.02 1.39
CA PHE A 159 10.77 -17.59 1.09
C PHE A 159 9.44 -17.29 0.40
N MET A 160 8.95 -18.19 -0.47
CA MET A 160 7.68 -17.91 -1.11
C MET A 160 6.53 -18.01 -0.12
N GLU A 161 6.64 -18.89 0.89
CA GLU A 161 5.56 -18.97 1.88
C GLU A 161 5.51 -17.71 2.74
N LEU A 162 6.68 -17.25 3.22
CA LEU A 162 6.75 -16.02 3.98
C LEU A 162 6.16 -14.85 3.20
N GLU A 163 6.40 -14.81 1.90
CA GLU A 163 5.89 -13.71 1.09
C GLU A 163 4.38 -13.82 0.94
N LYS A 164 3.91 -15.01 0.55
CA LYS A 164 2.48 -15.29 0.48
C LYS A 164 1.76 -15.12 1.81
N SER A 165 2.44 -15.23 2.94
CA SER A 165 1.77 -15.03 4.22
C SER A 165 1.75 -13.56 4.64
N GLY A 166 2.37 -12.68 3.86
CA GLY A 166 2.47 -11.29 4.23
C GLY A 166 3.44 -11.04 5.35
N ALA A 167 4.39 -11.96 5.57
CA ALA A 167 5.33 -11.78 6.68
C ALA A 167 6.46 -10.82 6.34
N LEU A 168 6.73 -10.60 5.06
CA LEU A 168 7.89 -9.82 4.65
C LEU A 168 7.49 -8.36 4.46
N LEU A 169 8.25 -7.47 5.12
CA LEU A 169 8.03 -6.04 4.97
C LEU A 169 8.69 -5.46 3.73
N GLU A 170 9.54 -6.25 3.09
CA GLU A 170 10.42 -5.76 2.04
C GLU A 170 10.97 -6.99 1.35
N SER A 171 11.00 -6.98 0.00
CA SER A 171 11.47 -8.12 -0.78
C SER A 171 12.24 -7.64 -1.99
N GLY A 172 13.19 -8.47 -2.43
CA GLY A 172 13.99 -8.15 -3.60
C GLY A 172 14.88 -9.31 -3.98
N THR A 173 15.58 -9.14 -5.11
CA THR A 173 16.48 -10.14 -5.66
C THR A 173 17.79 -9.52 -6.09
N TYR A 174 18.89 -10.26 -5.87
CA TYR A 174 20.23 -9.82 -6.24
C TYR A 174 20.98 -11.06 -6.66
N GLU A 175 21.49 -11.07 -7.90
CA GLU A 175 22.20 -12.22 -8.46
C GLU A 175 21.41 -13.52 -8.24
N ASP A 176 20.14 -13.51 -8.68
CA ASP A 176 19.30 -14.70 -8.74
C ASP A 176 19.06 -15.33 -7.36
N ASN A 177 19.08 -14.50 -6.31
CA ASN A 177 18.69 -14.94 -4.99
C ASN A 177 17.75 -13.92 -4.38
N TYR A 178 16.94 -14.40 -3.46
CA TYR A 178 15.88 -13.68 -2.75
C TYR A 178 16.45 -13.10 -1.46
N TYR A 179 16.04 -11.87 -1.17
CA TYR A 179 16.34 -11.21 0.09
C TYR A 179 15.06 -10.58 0.60
N GLY A 180 14.92 -10.55 1.93
CA GLY A 180 13.77 -9.91 2.55
C GLY A 180 13.98 -9.61 4.02
N THR A 181 13.06 -8.81 4.57
CA THR A 181 13.03 -8.54 6.00
C THR A 181 11.70 -8.96 6.59
N PRO A 182 11.65 -9.98 7.46
CA PRO A 182 10.38 -10.36 8.09
C PRO A 182 9.98 -9.36 9.16
N LYS A 183 8.67 -9.33 9.44
CA LYS A 183 8.18 -8.58 10.59
C LYS A 183 8.85 -9.06 11.87
N PRO A 184 9.28 -8.16 12.75
CA PRO A 184 9.83 -8.60 14.04
C PRO A 184 8.76 -9.29 14.88
N PRO A 185 9.16 -10.14 15.80
CA PRO A 185 8.20 -10.70 16.76
C PRO A 185 7.92 -9.76 17.93
N ALA A 186 6.81 -10.03 18.61
CA ALA A 186 6.63 -9.54 19.96
C ALA A 186 7.25 -10.59 20.87
N GLU A 187 8.10 -10.15 21.79
CA GLU A 187 8.85 -11.09 22.63
C GLU A 187 8.67 -10.80 24.11
N ASN B 1 20.59 -5.95 12.79
CA ASN B 1 21.64 -4.95 12.62
C ASN B 1 21.74 -4.54 11.15
N LEU B 2 22.85 -3.90 10.78
CA LEU B 2 22.96 -3.21 9.50
C LEU B 2 22.95 -4.20 8.32
N ARG B 3 22.44 -3.76 7.17
CA ARG B 3 22.33 -4.66 6.01
C ARG B 3 23.56 -4.54 5.11
N ASN B 4 23.95 -5.68 4.52
CA ASN B 4 25.06 -5.71 3.59
C ASN B 4 24.72 -4.99 2.30
N GLN B 5 25.74 -4.80 1.47
CA GLN B 5 25.59 -4.17 0.18
C GLN B 5 24.67 -4.98 -0.72
N TYR B 7 22.13 -6.99 0.08
CA TYR B 7 20.74 -6.82 0.47
C TYR B 7 20.22 -5.45 0.01
N ARG B 8 21.05 -4.41 0.18
CA ARG B 8 20.62 -3.06 -0.17
C ARG B 8 20.40 -2.93 -1.67
N ALA B 9 21.22 -3.61 -2.48
CA ALA B 9 21.00 -3.64 -3.93
C ALA B 9 19.69 -4.34 -4.28
N ALA B 10 19.41 -5.48 -3.64
CA ALA B 10 18.23 -6.28 -3.94
C ALA B 10 16.93 -5.48 -3.79
N MET B 11 16.95 -4.36 -3.09
CA MET B 11 15.73 -3.60 -2.88
C MET B 11 15.50 -2.56 -3.99
N SER C 5 13.43 -4.41 -11.26
CA SER C 5 13.18 -3.13 -10.59
C SER C 5 11.81 -2.57 -10.99
N HIS C 6 11.29 -3.03 -12.12
CA HIS C 6 10.04 -2.50 -12.66
C HIS C 6 8.84 -3.29 -12.16
N TRP C 7 7.72 -2.59 -12.04
CA TRP C 7 6.47 -3.24 -11.65
C TRP C 7 6.04 -4.26 -12.71
N THR C 8 6.29 -3.95 -13.98
CA THR C 8 5.86 -4.79 -15.10
C THR C 8 6.94 -5.77 -15.55
N SER C 9 8.06 -5.88 -14.82
CA SER C 9 9.17 -6.64 -15.38
C SER C 9 8.82 -8.12 -15.55
N LYS C 10 7.96 -8.65 -14.67
CA LYS C 10 7.64 -10.07 -14.65
C LYS C 10 6.28 -10.39 -15.28
N VAL C 11 5.72 -9.47 -16.07
CA VAL C 11 4.48 -9.75 -16.79
C VAL C 11 4.68 -10.91 -17.77
N HIS C 12 3.78 -11.89 -17.74
CA HIS C 12 3.83 -13.01 -18.67
C HIS C 12 2.47 -13.21 -19.31
N GLU C 13 2.47 -13.99 -20.40
CA GLU C 13 1.26 -14.30 -21.17
C GLU C 13 0.88 -15.76 -21.07
N SER C 14 -0.38 -16.02 -20.75
CA SER C 14 -0.93 -17.37 -20.71
C SER C 14 -2.06 -17.46 -21.71
N VAL C 15 -1.97 -18.39 -22.65
CA VAL C 15 -3.04 -18.60 -23.61
C VAL C 15 -3.80 -19.84 -23.19
N ILE C 16 -5.07 -19.66 -22.84
CA ILE C 16 -5.93 -20.74 -22.39
C ILE C 16 -7.17 -20.75 -23.25
N GLY C 17 -8.01 -21.75 -23.02
CA GLY C 17 -9.34 -21.79 -23.60
C GLY C 17 -10.33 -22.11 -22.49
N ARG C 18 -11.60 -21.94 -22.82
CA ARG C 18 -12.64 -22.29 -21.87
C ARG C 18 -12.62 -23.78 -21.62
N ASN C 19 -12.81 -24.18 -20.35
CA ASN C 19 -12.93 -25.60 -20.05
C ASN C 19 -14.26 -26.09 -20.62
N PRO C 20 -14.50 -27.43 -20.62
CA PRO C 20 -15.72 -27.94 -21.27
C PRO C 20 -17.04 -27.35 -20.78
N GLU C 21 -17.02 -26.66 -19.64
CA GLU C 21 -18.20 -25.99 -19.10
C GLU C 21 -18.31 -24.53 -19.49
N GLY C 22 -17.41 -24.04 -20.34
CA GLY C 22 -17.47 -22.67 -20.83
C GLY C 22 -16.87 -21.63 -19.92
N GLN C 23 -16.23 -22.06 -18.84
CA GLN C 23 -15.63 -21.16 -17.87
C GLN C 23 -14.12 -21.20 -18.01
N LEU C 24 -13.49 -20.45 -17.11
CA LEU C 24 -12.07 -20.24 -17.09
C LEU C 24 -11.31 -21.32 -16.32
N GLY C 25 -11.97 -22.01 -15.41
CA GLY C 25 -11.30 -22.95 -14.52
C GLY C 25 -10.78 -22.35 -13.24
N PHE C 26 -11.09 -21.09 -12.96
CA PHE C 26 -10.72 -20.42 -11.71
C PHE C 26 -11.70 -19.27 -11.50
N GLU C 27 -11.87 -18.89 -10.24
CA GLU C 27 -12.71 -17.74 -9.89
C GLU C 27 -11.89 -16.46 -9.99
N LEU C 28 -12.52 -15.41 -10.49
CA LEU C 28 -11.90 -14.08 -10.50
C LEU C 28 -12.26 -13.39 -9.19
N LYS C 29 -11.29 -12.66 -8.62
CA LYS C 29 -11.52 -12.02 -7.33
C LYS C 29 -11.06 -10.56 -7.38
N GLY C 30 -11.35 -9.82 -6.33
CA GLY C 30 -10.91 -8.43 -6.28
C GLY C 30 -11.85 -7.55 -7.07
N GLY C 31 -11.30 -6.78 -8.00
CA GLY C 31 -12.10 -5.84 -8.77
C GLY C 31 -12.14 -4.48 -8.11
N ALA C 32 -12.40 -3.46 -8.94
CA ALA C 32 -12.36 -2.08 -8.46
C ALA C 32 -13.37 -1.83 -7.35
N GLU C 33 -14.48 -2.57 -7.34
CA GLU C 33 -15.47 -2.45 -6.29
C GLU C 33 -14.94 -2.93 -4.93
N ASN C 34 -13.83 -3.66 -4.92
CA ASN C 34 -13.16 -4.00 -3.68
C ASN C 34 -11.86 -3.25 -3.51
N GLY C 35 -11.66 -2.18 -4.27
CA GLY C 35 -10.39 -1.48 -4.23
C GLY C 35 -9.22 -2.32 -4.70
N GLN C 36 -9.43 -3.21 -5.68
CA GLN C 36 -8.41 -4.19 -6.02
C GLN C 36 -8.31 -4.41 -7.52
N PHE C 37 -7.12 -4.82 -7.93
CA PHE C 37 -6.96 -5.46 -9.23
C PHE C 37 -7.92 -6.63 -9.34
N PRO C 38 -8.29 -7.06 -10.54
CA PRO C 38 -8.74 -8.44 -10.69
C PRO C 38 -7.56 -9.35 -10.43
N TYR C 39 -7.79 -10.42 -9.66
CA TYR C 39 -6.73 -11.39 -9.47
C TYR C 39 -7.34 -12.79 -9.39
N LEU C 40 -6.48 -13.79 -9.58
CA LEU C 40 -6.96 -15.15 -9.70
C LEU C 40 -7.22 -15.73 -8.32
N GLY C 41 -8.25 -16.56 -8.23
CA GLY C 41 -8.48 -17.32 -7.01
C GLY C 41 -7.56 -18.51 -7.03
N GLU C 42 -8.00 -19.61 -6.45
CA GLU C 42 -7.18 -20.83 -6.46
C GLU C 42 -7.21 -21.44 -7.85
N VAL C 43 -6.04 -21.54 -8.48
CA VAL C 43 -5.90 -22.24 -9.75
C VAL C 43 -5.72 -23.72 -9.45
N LYS C 44 -6.78 -24.50 -9.55
CA LYS C 44 -6.66 -25.95 -9.43
C LYS C 44 -5.91 -26.45 -10.66
N PRO C 45 -4.77 -27.13 -10.51
CA PRO C 45 -3.94 -27.48 -11.68
C PRO C 45 -4.66 -28.31 -12.74
N GLY C 46 -5.72 -29.02 -12.39
CA GLY C 46 -6.41 -29.83 -13.38
C GLY C 46 -7.58 -29.18 -14.04
N LYS C 47 -7.90 -27.92 -13.71
CA LYS C 47 -9.10 -27.26 -14.19
C LYS C 47 -8.89 -26.24 -15.30
N VAL C 48 -7.68 -25.76 -15.52
CA VAL C 48 -7.40 -24.80 -16.61
C VAL C 48 -7.04 -25.56 -17.88
N ALA C 49 -7.70 -25.20 -18.98
CA ALA C 49 -7.42 -25.80 -20.29
C ALA C 49 -6.37 -24.97 -21.01
N TYR C 50 -5.10 -25.28 -20.78
CA TYR C 50 -4.01 -24.51 -21.36
C TYR C 50 -3.85 -24.77 -22.85
N GLU C 51 -3.41 -23.75 -23.57
CA GLU C 51 -3.08 -23.84 -25.00
C GLU C 51 -1.61 -23.55 -25.26
N SER C 52 -1.11 -22.42 -24.79
CA SER C 52 0.26 -22.00 -25.04
C SER C 52 0.69 -21.03 -23.96
N GLY C 53 1.91 -20.52 -24.12
CA GLY C 53 2.44 -19.56 -23.17
C GLY C 53 2.78 -20.22 -21.86
N SER C 54 2.56 -19.49 -20.79
CA SER C 54 2.95 -19.82 -19.43
C SER C 54 1.75 -20.36 -18.67
N LYS C 55 2.01 -21.07 -17.60
CA LYS C 55 0.92 -21.51 -16.77
C LYS C 55 0.49 -20.37 -15.85
N LEU C 56 -0.75 -20.46 -15.36
CA LEU C 56 -1.27 -19.53 -14.37
C LEU C 56 -1.06 -20.11 -12.98
N VAL C 57 -0.80 -19.24 -12.02
CA VAL C 57 -0.74 -19.65 -10.62
C VAL C 57 -1.71 -18.79 -9.82
N SER C 58 -2.19 -19.35 -8.72
CA SER C 58 -3.11 -18.68 -7.83
C SER C 58 -2.61 -17.28 -7.46
N GLU C 59 -3.57 -16.37 -7.29
CA GLU C 59 -3.38 -15.01 -6.80
C GLU C 59 -2.57 -14.13 -7.76
N GLU C 60 -2.41 -14.50 -9.02
CA GLU C 60 -1.78 -13.56 -9.94
C GLU C 60 -2.74 -12.43 -10.30
N LEU C 61 -2.17 -11.26 -10.64
CA LEU C 61 -2.95 -10.11 -11.07
C LEU C 61 -3.25 -10.20 -12.56
N LEU C 62 -4.51 -10.00 -12.93
CA LEU C 62 -4.91 -10.06 -14.33
C LEU C 62 -4.84 -8.65 -14.91
N LEU C 63 -3.97 -8.45 -15.90
CA LEU C 63 -3.76 -7.13 -16.47
C LEU C 63 -4.53 -6.91 -17.77
N GLU C 64 -4.47 -7.86 -18.69
CA GLU C 64 -5.05 -7.71 -20.01
C GLU C 64 -5.77 -8.98 -20.41
N VAL C 65 -6.83 -8.84 -21.22
CA VAL C 65 -7.53 -9.95 -21.82
C VAL C 65 -7.65 -9.68 -23.31
N ASN C 66 -7.02 -10.52 -24.12
CA ASN C 66 -6.93 -10.34 -25.58
C ASN C 66 -6.54 -8.92 -25.94
N GLU C 67 -5.56 -8.39 -25.19
CA GLU C 67 -5.00 -7.06 -25.37
C GLU C 67 -5.97 -5.94 -24.99
N THR C 68 -7.07 -6.26 -24.29
CA THR C 68 -7.88 -5.23 -23.65
C THR C 68 -7.45 -5.10 -22.19
N PRO C 69 -6.90 -3.95 -21.79
CA PRO C 69 -6.57 -3.75 -20.38
C PRO C 69 -7.81 -3.87 -19.50
N VAL C 70 -7.73 -4.67 -18.44
CA VAL C 70 -8.86 -4.87 -17.55
C VAL C 70 -8.56 -4.47 -16.11
N ALA C 71 -7.30 -4.27 -15.73
CA ALA C 71 -7.02 -3.86 -14.36
C ALA C 71 -7.63 -2.49 -14.10
N GLY C 72 -8.25 -2.33 -12.94
CA GLY C 72 -8.94 -1.11 -12.61
C GLY C 72 -10.44 -1.16 -12.83
N LEU C 73 -10.93 -2.21 -13.47
CA LEU C 73 -12.35 -2.38 -13.71
C LEU C 73 -12.99 -3.19 -12.58
N THR C 74 -14.31 -3.23 -12.57
CA THR C 74 -15.03 -4.12 -11.67
C THR C 74 -14.90 -5.55 -12.17
N ILE C 75 -15.24 -6.51 -11.32
CA ILE C 75 -15.26 -7.88 -11.81
C ILE C 75 -16.30 -8.03 -12.92
N ARG C 76 -17.42 -7.31 -12.81
CA ARG C 76 -18.45 -7.37 -13.84
C ARG C 76 -17.90 -6.92 -15.18
N ASP C 77 -17.25 -5.75 -15.21
CA ASP C 77 -16.63 -5.27 -16.43
C ASP C 77 -15.61 -6.27 -16.97
N VAL C 78 -14.81 -6.89 -16.09
CA VAL C 78 -13.77 -7.82 -16.55
C VAL C 78 -14.41 -9.02 -17.22
N LEU C 79 -15.38 -9.64 -16.55
CA LEU C 79 -16.10 -10.77 -17.14
C LEU C 79 -16.76 -10.36 -18.45
N ALA C 80 -17.24 -9.11 -18.54
CA ALA C 80 -17.92 -8.66 -19.75
C ALA C 80 -16.97 -8.60 -20.94
N VAL C 81 -15.71 -8.26 -20.67
CA VAL C 81 -14.68 -8.27 -21.70
C VAL C 81 -14.35 -9.69 -22.12
N ILE C 82 -14.15 -10.57 -21.15
CA ILE C 82 -13.84 -11.96 -21.47
C ILE C 82 -14.95 -12.56 -22.31
N LYS C 83 -16.21 -12.23 -21.96
CA LYS C 83 -17.35 -12.82 -22.66
C LYS C 83 -17.33 -12.49 -24.14
N HIS C 84 -16.83 -11.32 -24.51
CA HIS C 84 -16.83 -10.92 -25.91
C HIS C 84 -15.53 -11.25 -26.62
N CYS C 85 -14.69 -12.10 -26.03
CA CYS C 85 -13.45 -12.55 -26.65
C CYS C 85 -13.59 -14.02 -27.02
N LYS C 86 -13.37 -14.37 -28.29
CA LYS C 86 -13.39 -15.78 -28.67
C LYS C 86 -12.13 -16.48 -28.20
N ASP C 87 -12.23 -17.79 -27.99
CA ASP C 87 -11.05 -18.59 -27.67
C ASP C 87 -10.09 -18.61 -28.86
N PRO C 88 -8.77 -18.58 -28.62
CA PRO C 88 -8.10 -18.63 -27.30
C PRO C 88 -8.04 -17.27 -26.59
N LEU C 89 -8.09 -17.31 -25.25
CA LEU C 89 -8.00 -16.13 -24.40
C LEU C 89 -6.54 -15.87 -24.02
N ARG C 90 -5.97 -14.79 -24.53
CA ARG C 90 -4.61 -14.41 -24.18
C ARG C 90 -4.65 -13.51 -22.95
N LEU C 91 -4.13 -14.02 -21.83
CA LEU C 91 -4.15 -13.33 -20.54
C LEU C 91 -2.75 -12.84 -20.22
N LYS C 92 -2.64 -11.57 -19.88
CA LYS C 92 -1.40 -11.01 -19.38
C LYS C 92 -1.56 -10.81 -17.88
N CYS C 93 -0.71 -11.50 -17.12
CA CYS C 93 -0.74 -11.56 -15.67
C CYS C 93 0.63 -11.23 -15.10
N VAL C 94 0.63 -10.94 -13.80
CA VAL C 94 1.86 -10.69 -13.08
C VAL C 94 1.66 -11.22 -11.67
N LYS C 95 2.68 -11.91 -11.16
CA LYS C 95 2.60 -12.49 -9.83
C LYS C 95 2.75 -11.39 -8.78
N GLN C 96 2.00 -11.51 -7.69
CA GLN C 96 2.13 -10.56 -6.59
C GLN C 96 3.45 -10.73 -5.85
N GLY C 97 3.94 -9.64 -5.31
CA GLY C 97 5.07 -9.67 -4.39
C GLY C 97 5.98 -8.47 -4.60
N GLY C 98 6.73 -8.13 -3.55
CA GLY C 98 7.54 -6.94 -3.64
C GLY C 98 6.65 -5.75 -3.97
N ILE C 99 6.96 -5.07 -5.07
CA ILE C 99 6.19 -3.89 -5.45
C ILE C 99 4.82 -4.25 -6.02
N VAL C 100 4.55 -5.51 -6.37
CA VAL C 100 3.31 -5.87 -7.06
C VAL C 100 2.26 -6.30 -6.05
N ASP C 101 1.20 -5.52 -5.87
CA ASP C 101 0.14 -5.92 -4.96
C ASP C 101 -1.21 -5.60 -5.59
N LYS C 102 -2.21 -6.41 -5.22
CA LYS C 102 -3.56 -6.25 -5.74
C LYS C 102 -4.26 -4.98 -5.27
N ASP C 103 -3.72 -4.25 -4.31
CA ASP C 103 -4.45 -3.12 -3.73
C ASP C 103 -4.34 -1.89 -4.61
N LEU C 104 -5.47 -1.47 -5.19
CA LEU C 104 -5.47 -0.37 -6.14
C LEU C 104 -5.04 0.96 -5.52
N ARG C 105 -5.55 1.30 -4.33
CA ARG C 105 -5.14 2.60 -3.78
C ARG C 105 -3.63 2.72 -3.71
N HIS C 106 -2.97 1.67 -3.20
CA HIS C 106 -1.53 1.76 -2.99
C HIS C 106 -0.79 1.73 -4.32
N TYR C 107 -1.35 1.03 -5.31
CA TYR C 107 -0.76 1.08 -6.63
C TYR C 107 -0.83 2.50 -7.21
N LEU C 108 -1.96 3.20 -7.00
CA LEU C 108 -2.10 4.56 -7.50
C LEU C 108 -1.23 5.56 -6.75
N ASN C 109 -0.80 5.22 -5.53
CA ASN C 109 0.21 6.02 -4.84
C ASN C 109 1.60 5.89 -5.45
N LEU C 110 1.93 4.79 -6.12
CA LEU C 110 3.31 4.61 -6.59
C LEU C 110 3.69 5.67 -7.63
N ARG C 111 4.90 6.20 -7.49
CA ARG C 111 5.44 7.24 -8.36
C ARG C 111 6.44 6.62 -9.32
N PHE C 112 6.05 6.51 -10.60
CA PHE C 112 6.88 5.90 -11.64
C PHE C 112 7.61 6.95 -12.46
N GLN C 113 8.65 6.48 -13.17
CA GLN C 113 9.41 7.36 -14.04
C GLN C 113 8.55 7.77 -15.23
N LYS C 114 8.57 9.06 -15.56
CA LYS C 114 7.74 9.56 -16.65
C LYS C 114 8.16 8.95 -17.98
N GLY C 115 7.19 8.36 -18.68
CA GLY C 115 7.47 7.71 -19.95
C GLY C 115 7.74 6.22 -19.85
N SER C 116 7.97 5.70 -18.66
CA SER C 116 8.24 4.29 -18.49
C SER C 116 6.99 3.47 -18.76
N VAL C 117 7.20 2.18 -19.07
CA VAL C 117 6.08 1.26 -19.17
C VAL C 117 5.26 1.26 -17.89
N ASP C 118 5.95 1.26 -16.73
CA ASP C 118 5.26 1.32 -15.45
C ASP C 118 4.30 2.51 -15.38
N HIS C 119 4.77 3.67 -15.85
CA HIS C 119 3.93 4.87 -15.82
C HIS C 119 2.74 4.73 -16.78
N GLU C 120 2.98 4.27 -18.01
CA GLU C 120 1.90 4.18 -18.98
C GLU C 120 0.82 3.21 -18.53
N LEU C 121 1.21 2.07 -17.96
CA LEU C 121 0.23 1.14 -17.42
C LEU C 121 -0.57 1.77 -16.28
N GLN C 122 0.10 2.52 -15.39
CA GLN C 122 -0.64 3.14 -14.29
C GLN C 122 -1.69 4.11 -14.81
N GLN C 123 -1.37 4.86 -15.86
CA GLN C 123 -2.36 5.78 -16.45
C GLN C 123 -3.51 5.02 -17.12
N ILE C 124 -3.21 3.87 -17.75
CA ILE C 124 -4.26 3.04 -18.33
C ILE C 124 -5.22 2.55 -17.25
N ILE C 125 -4.69 2.13 -16.11
CA ILE C 125 -5.53 1.60 -15.03
C ILE C 125 -6.35 2.71 -14.37
N ARG C 126 -5.78 3.93 -14.25
CA ARG C 126 -6.57 5.05 -13.76
C ARG C 126 -7.78 5.29 -14.64
N ASP C 127 -7.56 5.30 -15.96
CA ASP C 127 -8.66 5.60 -16.89
C ASP C 127 -9.76 4.55 -16.78
N ASN C 128 -9.39 3.28 -16.63
CA ASN C 128 -10.40 2.24 -16.47
C ASN C 128 -11.20 2.47 -15.19
N LEU C 129 -10.49 2.78 -14.09
CA LEU C 129 -11.16 3.06 -12.82
C LEU C 129 -12.13 4.22 -12.94
N TYR C 130 -11.77 5.22 -13.75
CA TYR C 130 -12.61 6.39 -13.94
C TYR C 130 -13.86 6.10 -14.78
N LEU C 131 -13.87 4.99 -15.55
CA LEU C 131 -15.01 4.71 -16.42
C LEU C 131 -16.30 4.51 -15.66
N ARG C 132 -16.23 3.86 -14.49
CA ARG C 132 -17.44 3.51 -13.75
C ARG C 132 -17.50 4.21 -12.39
N THR C 133 -16.68 5.24 -12.18
CA THR C 133 -16.72 5.99 -10.94
C THR C 133 -17.04 7.45 -11.15
N VAL C 134 -17.79 8.00 -10.21
CA VAL C 134 -18.01 9.45 -10.10
C VAL C 134 -17.19 9.97 -8.95
N PRO C 135 -16.38 10.99 -9.19
CA PRO C 135 -15.56 11.57 -8.14
C PRO C 135 -16.47 12.33 -7.20
N CYS C 136 -15.97 12.51 -6.00
CA CYS C 136 -16.61 13.31 -4.98
C CYS C 136 -15.72 14.52 -4.71
N THR C 137 -16.34 15.62 -4.29
CA THR C 137 -15.62 16.86 -4.02
C THR C 137 -16.37 17.64 -2.95
N THR C 138 -15.60 18.43 -2.19
CA THR C 138 -16.17 19.29 -1.17
C THR C 138 -16.37 20.71 -1.66
N ARG C 139 -15.88 21.06 -2.85
CA ARG C 139 -16.16 22.37 -3.42
C ARG C 139 -17.63 22.45 -3.80
N PRO C 140 -18.18 23.67 -3.87
CA PRO C 140 -19.60 23.82 -4.23
C PRO C 140 -19.88 23.50 -5.70
N HIS C 141 -21.12 23.07 -5.93
CA HIS C 141 -21.59 22.82 -7.29
C HIS C 141 -21.42 24.06 -8.15
N LYS C 142 -20.85 23.89 -9.35
CA LYS C 142 -20.74 24.97 -10.31
C LYS C 142 -21.79 24.85 -11.39
N GLU C 143 -22.16 26.00 -11.95
CA GLU C 143 -23.17 26.07 -12.99
C GLU C 143 -22.79 25.14 -14.15
N GLY C 144 -23.77 24.37 -14.62
CA GLY C 144 -23.51 23.43 -15.69
C GLY C 144 -23.24 22.01 -15.25
N GLU C 145 -22.94 21.79 -13.97
CA GLU C 145 -22.63 20.45 -13.50
C GLU C 145 -23.90 19.72 -13.06
N VAL C 146 -23.88 18.41 -13.22
CA VAL C 146 -24.97 17.52 -12.87
C VAL C 146 -24.55 16.76 -11.61
N PRO C 147 -25.17 17.02 -10.47
CA PRO C 147 -24.83 16.25 -9.26
C PRO C 147 -25.15 14.78 -9.45
N GLY C 148 -24.21 13.92 -9.02
CA GLY C 148 -24.29 12.49 -9.25
C GLY C 148 -23.66 12.04 -10.56
N VAL C 149 -23.28 12.97 -11.42
CA VAL C 149 -22.70 12.58 -12.71
C VAL C 149 -21.32 13.19 -12.84
N ASP C 150 -21.23 14.51 -12.81
CA ASP C 150 -19.91 15.10 -12.88
C ASP C 150 -19.17 14.91 -11.57
N TYR C 151 -19.88 15.11 -10.45
CA TYR C 151 -19.33 14.95 -9.11
C TYR C 151 -20.46 14.54 -8.18
N ILE C 152 -20.06 13.93 -7.07
CA ILE C 152 -20.86 13.86 -5.86
C ILE C 152 -20.38 14.98 -4.94
N PHE C 153 -21.29 15.88 -4.54
CA PHE C 153 -20.95 17.09 -3.80
C PHE C 153 -21.25 16.85 -2.32
N ILE C 154 -20.20 16.78 -1.51
CA ILE C 154 -20.33 16.43 -0.10
C ILE C 154 -19.57 17.46 0.72
N THR C 155 -19.79 17.42 2.03
CA THR C 155 -19.10 18.30 2.95
C THR C 155 -17.73 17.75 3.34
N VAL C 156 -16.93 18.60 3.98
CA VAL C 156 -15.66 18.16 4.52
C VAL C 156 -15.87 17.01 5.49
N GLU C 157 -16.89 17.13 6.35
CA GLU C 157 -17.19 16.08 7.33
C GLU C 157 -17.53 14.76 6.65
N GLU C 158 -18.39 14.82 5.61
CA GLU C 158 -18.76 13.61 4.88
C GLU C 158 -17.56 13.02 4.15
N PHE C 159 -16.77 13.87 3.51
CA PHE C 159 -15.56 13.41 2.83
C PHE C 159 -14.62 12.70 3.81
N MET C 160 -14.52 13.19 5.05
CA MET C 160 -13.62 12.56 6.02
C MET C 160 -14.12 11.20 6.48
N GLU C 161 -15.44 11.00 6.52
CA GLU C 161 -15.94 9.69 6.89
C GLU C 161 -15.66 8.68 5.77
N LEU C 162 -15.91 9.07 4.53
CA LEU C 162 -15.58 8.21 3.39
C LEU C 162 -14.11 7.83 3.40
N GLU C 163 -13.24 8.75 3.80
CA GLU C 163 -11.82 8.44 3.81
C GLU C 163 -11.47 7.49 4.94
N LYS C 164 -11.92 7.79 6.15
CA LYS C 164 -11.75 6.89 7.28
C LYS C 164 -12.41 5.53 7.08
N SER C 165 -13.39 5.41 6.20
CA SER C 165 -14.07 4.14 5.98
C SER C 165 -13.36 3.25 4.97
N GLY C 166 -12.29 3.73 4.34
CA GLY C 166 -11.62 3.02 3.27
C GLY C 166 -12.38 3.04 1.96
N ALA C 167 -13.28 4.00 1.79
CA ALA C 167 -14.09 4.06 0.58
C ALA C 167 -13.36 4.71 -0.59
N LEU C 168 -12.36 5.53 -0.31
CA LEU C 168 -11.71 6.32 -1.34
C LEU C 168 -10.48 5.61 -1.90
N LEU C 169 -10.43 5.49 -3.22
CA LEU C 169 -9.27 4.90 -3.90
C LEU C 169 -8.16 5.92 -4.15
N GLU C 170 -8.44 7.21 -3.96
CA GLU C 170 -7.60 8.34 -4.31
C GLU C 170 -8.14 9.56 -3.56
N SER C 171 -7.22 10.37 -3.03
CA SER C 171 -7.58 11.56 -2.27
C SER C 171 -6.59 12.66 -2.58
N GLY C 172 -7.09 13.90 -2.53
CA GLY C 172 -6.22 15.04 -2.75
C GLY C 172 -6.96 16.33 -2.50
N THR C 173 -6.21 17.41 -2.54
CA THR C 173 -6.72 18.74 -2.28
C THR C 173 -6.24 19.67 -3.37
N TYR C 174 -7.10 20.60 -3.74
CA TYR C 174 -6.76 21.58 -4.76
C TYR C 174 -7.50 22.84 -4.37
N GLU C 175 -6.76 23.91 -4.13
CA GLU C 175 -7.33 25.20 -3.77
C GLU C 175 -8.41 25.05 -2.69
N ASP C 176 -7.97 24.43 -1.59
CA ASP C 176 -8.70 24.31 -0.32
C ASP C 176 -9.99 23.48 -0.39
N ASN C 177 -10.08 22.53 -1.32
CA ASN C 177 -11.17 21.58 -1.28
C ASN C 177 -10.63 20.18 -1.57
N TYR C 178 -11.34 19.19 -1.06
CA TYR C 178 -10.96 17.80 -1.21
C TYR C 178 -11.60 17.21 -2.47
N TYR C 179 -10.85 16.34 -3.13
CA TYR C 179 -11.32 15.57 -4.28
C TYR C 179 -10.96 14.12 -4.03
N GLY C 180 -11.82 13.22 -4.48
CA GLY C 180 -11.53 11.80 -4.37
C GLY C 180 -12.38 10.97 -5.31
N THR C 181 -12.00 9.71 -5.45
CA THR C 181 -12.79 8.74 -6.20
C THR C 181 -13.16 7.58 -5.29
N PRO C 182 -14.44 7.40 -4.97
CA PRO C 182 -14.85 6.24 -4.20
C PRO C 182 -14.82 4.97 -5.03
N LYS C 183 -14.75 3.86 -4.32
CA LYS C 183 -14.96 2.56 -4.91
C LYS C 183 -16.27 2.55 -5.71
N PRO C 184 -16.28 1.97 -6.91
CA PRO C 184 -17.54 1.74 -7.59
C PRO C 184 -18.37 0.74 -6.82
N PRO C 185 -19.68 0.72 -6.99
CA PRO C 185 -20.45 -0.39 -6.43
C PRO C 185 -20.25 -1.63 -7.30
N ALA C 186 -20.53 -2.79 -6.71
CA ALA C 186 -20.57 -4.02 -7.47
C ALA C 186 -21.97 -4.21 -8.07
N GLU C 187 -22.01 -4.51 -9.37
CA GLU C 187 -23.28 -4.73 -10.06
C GLU C 187 -23.23 -6.00 -10.92
N ASN D 1 -15.85 8.44 -17.79
CA ASN D 1 -16.10 9.69 -17.06
C ASN D 1 -14.79 10.45 -16.73
N LEU D 2 -14.35 11.28 -17.66
CA LEU D 2 -13.04 11.92 -17.57
C LEU D 2 -12.99 12.89 -16.39
N ARG D 3 -11.80 13.10 -15.83
CA ARG D 3 -11.62 14.01 -14.71
C ARG D 3 -11.17 15.39 -15.19
N ASN D 4 -11.65 16.44 -14.51
CA ASN D 4 -11.20 17.79 -14.83
C ASN D 4 -9.76 17.99 -14.37
N GLN D 5 -9.15 19.09 -14.81
CA GLN D 5 -7.79 19.38 -14.35
C GLN D 5 -7.73 19.57 -12.86
N TYR D 7 -9.37 18.03 -10.64
CA TYR D 7 -9.27 16.73 -10.01
C TYR D 7 -7.85 16.18 -10.25
N ARG D 8 -7.33 16.30 -11.49
CA ARG D 8 -5.99 15.78 -11.77
C ARG D 8 -4.92 16.56 -11.01
N ALA D 9 -5.10 17.85 -10.82
CA ALA D 9 -4.15 18.60 -9.99
C ALA D 9 -4.19 18.10 -8.55
N ALA D 10 -5.39 17.90 -8.02
CA ALA D 10 -5.53 17.48 -6.63
C ALA D 10 -4.84 16.15 -6.34
N MET D 11 -4.60 15.32 -7.36
CA MET D 11 -4.00 14.02 -7.11
C MET D 11 -2.48 14.00 -7.19
N LYS D 12 -1.90 15.00 -7.84
CA LYS D 12 -0.44 15.12 -7.98
C LYS D 12 0.24 15.22 -6.60
#